data_2RGQ
#
_entry.id   2RGQ
#
_cell.length_a   92.487
_cell.length_b   93.768
_cell.length_c   53.069
_cell.angle_alpha   90.000
_cell.angle_beta   90.000
_cell.angle_gamma   90.000
#
_symmetry.space_group_name_H-M   'P 21 21 2'
#
loop_
_entity.id
_entity.type
_entity.pdbx_description
1 polymer 'Domain of Unknown Function with a Cystatin-Like Fold'
2 non-polymer 'POTASSIUM ION'
3 non-polymer GLYCEROL
4 non-polymer DI(HYDROXYETHYL)ETHER
5 water water
#
_entity_poly.entity_id   1
_entity_poly.type   'polypeptide(L)'
_entity_poly.pdbx_seq_one_letter_code
;G(MSE)ELTALDKLEI(MSE)ELAARFE(MSE)SLDKEDVENYLATFASDGALQGFWGIAKGKEELRQGFYA(MSE)LDT
FARGKRHCSSNAIIQGNYDEAT(MSE)ESYLTVVNREDLNRAGSAFVKDQVRKINGKWYLILRQIEVDPSLPLLQQSQQA
GANA
;
_entity_poly.pdbx_strand_id   A,B,C
#
# COMPACT_ATOMS: atom_id res chain seq x y z
N GLU A 3 13.75 -12.15 -18.00
CA GLU A 3 13.05 -11.93 -16.76
C GLU A 3 12.50 -10.52 -16.72
N LEU A 4 11.44 -10.33 -15.95
CA LEU A 4 10.92 -9.02 -15.71
C LEU A 4 11.99 -8.12 -15.06
N THR A 5 12.05 -6.86 -15.47
CA THR A 5 12.93 -5.90 -14.80
C THR A 5 12.12 -5.24 -13.67
N ALA A 6 12.83 -4.51 -12.81
CA ALA A 6 12.21 -3.77 -11.70
C ALA A 6 11.32 -2.68 -12.28
N LEU A 7 11.83 -1.96 -13.28
CA LEU A 7 10.98 -0.97 -14.01
C LEU A 7 9.67 -1.60 -14.57
N ASP A 8 9.76 -2.80 -15.15
CA ASP A 8 8.55 -3.56 -15.57
C ASP A 8 7.55 -3.73 -14.42
N LYS A 9 8.01 -4.27 -13.28
CA LYS A 9 7.13 -4.54 -12.15
C LYS A 9 6.50 -3.25 -11.62
N LEU A 10 7.28 -2.19 -11.58
CA LEU A 10 6.78 -0.88 -11.11
C LEU A 10 5.69 -0.33 -12.06
N GLU A 11 5.93 -0.46 -13.36
CA GLU A 11 4.97 -0.03 -14.36
C GLU A 11 3.64 -0.84 -14.31
N ILE A 12 3.77 -2.15 -14.06
CA ILE A 12 2.65 -3.07 -13.90
C ILE A 12 1.82 -2.63 -12.67
N GLU A 14 1.75 0.38 -11.41
CA GLU A 14 1.15 1.65 -11.78
C GLU A 14 -0.13 1.49 -12.62
N LEU A 15 -0.31 0.39 -13.36
CA LEU A 15 -1.57 0.12 -14.06
C LEU A 15 -2.74 0.07 -13.08
N ALA A 16 -2.54 -0.65 -11.96
CA ALA A 16 -3.55 -0.72 -10.87
C ALA A 16 -3.81 0.65 -10.27
N ALA A 17 -2.74 1.38 -9.97
CA ALA A 17 -2.86 2.74 -9.40
C ALA A 17 -3.63 3.66 -10.36
N ARG A 18 -3.28 3.60 -11.63
CA ARG A 18 -3.94 4.40 -12.67
C ARG A 18 -5.41 4.04 -12.83
N PHE A 19 -5.68 2.74 -12.88
CA PHE A 19 -7.05 2.24 -12.97
C PHE A 19 -7.88 2.81 -11.82
N GLU A 20 -7.41 2.63 -10.60
CA GLU A 20 -8.17 3.08 -9.42
C GLU A 20 -8.28 4.58 -9.31
N SER A 22 -8.10 6.77 -11.77
CA SER A 22 -9.01 7.26 -12.86
C SER A 22 -10.49 6.99 -12.53
N LEU A 23 -10.77 5.84 -11.94
CA LEU A 23 -12.14 5.50 -11.49
C LEU A 23 -12.61 6.52 -10.47
N ASP A 24 -11.78 6.76 -9.46
CA ASP A 24 -12.17 7.71 -8.40
C ASP A 24 -12.36 9.16 -8.91
N LYS A 25 -11.51 9.57 -9.86
CA LYS A 25 -11.56 10.90 -10.46
CA LYS A 25 -11.60 10.91 -10.46
C LYS A 25 -12.66 10.99 -11.54
N GLU A 26 -13.20 9.84 -11.95
CA GLU A 26 -14.19 9.77 -13.03
C GLU A 26 -13.56 10.25 -14.37
N ASP A 27 -12.29 9.91 -14.56
CA ASP A 27 -11.49 10.23 -15.75
C ASP A 27 -11.47 8.99 -16.65
N VAL A 28 -12.47 8.90 -17.53
CA VAL A 28 -12.67 7.71 -18.35
C VAL A 28 -11.50 7.51 -19.30
N GLU A 29 -10.93 8.58 -19.84
CA GLU A 29 -9.82 8.44 -20.82
C GLU A 29 -8.55 7.88 -20.19
N ASN A 30 -8.21 8.31 -18.99
CA ASN A 30 -7.08 7.70 -18.30
C ASN A 30 -7.35 6.29 -17.82
N TYR A 31 -8.61 5.97 -17.51
CA TYR A 31 -9.02 4.61 -17.16
C TYR A 31 -8.82 3.69 -18.36
N LEU A 32 -9.38 4.11 -19.50
CA LEU A 32 -9.31 3.30 -20.71
C LEU A 32 -7.88 3.03 -21.18
N ALA A 33 -6.99 4.01 -20.99
CA ALA A 33 -5.59 3.90 -21.37
C ALA A 33 -4.81 2.76 -20.68
N THR A 34 -5.32 2.28 -19.52
CA THR A 34 -4.67 1.17 -18.82
C THR A 34 -4.87 -0.18 -19.48
N PHE A 35 -5.87 -0.25 -20.40
CA PHE A 35 -6.27 -1.48 -21.10
C PHE A 35 -5.76 -1.56 -22.52
N ALA A 36 -5.40 -2.78 -22.97
CA ALA A 36 -5.12 -3.02 -24.39
C ALA A 36 -6.45 -2.83 -25.14
N SER A 37 -6.41 -2.65 -26.46
CA SER A 37 -7.66 -2.47 -27.21
C SER A 37 -8.68 -3.59 -27.01
N ASP A 38 -8.19 -4.83 -26.80
CA ASP A 38 -9.03 -6.00 -26.57
C ASP A 38 -9.05 -6.43 -25.10
N GLY A 39 -8.75 -5.48 -24.23
CA GLY A 39 -8.71 -5.78 -22.80
C GLY A 39 -10.07 -6.01 -22.23
N ALA A 40 -10.12 -6.66 -21.06
CA ALA A 40 -11.37 -7.03 -20.41
C ALA A 40 -11.34 -6.86 -18.90
N LEU A 41 -12.49 -6.48 -18.33
CA LEU A 41 -12.67 -6.35 -16.89
C LEU A 41 -13.81 -7.29 -16.51
N GLN A 42 -13.57 -8.17 -15.54
CA GLN A 42 -14.58 -9.12 -15.05
C GLN A 42 -14.81 -8.96 -13.55
N GLY A 43 -16.07 -8.94 -13.15
CA GLY A 43 -16.45 -8.87 -11.75
C GLY A 43 -17.73 -9.67 -11.60
N PHE A 44 -18.33 -9.65 -10.42
CA PHE A 44 -19.61 -10.38 -10.21
C PHE A 44 -20.76 -9.88 -11.14
N TRP A 45 -20.67 -8.60 -11.49
CA TRP A 45 -21.60 -7.89 -12.38
C TRP A 45 -21.56 -8.35 -13.82
N GLY A 46 -20.47 -8.98 -14.25
CA GLY A 46 -20.30 -9.48 -15.60
C GLY A 46 -18.91 -9.20 -16.15
N ILE A 47 -18.79 -9.25 -17.49
CA ILE A 47 -17.53 -8.98 -18.16
CA ILE A 47 -17.53 -9.01 -18.20
C ILE A 47 -17.74 -7.93 -19.27
N ALA A 48 -16.78 -7.00 -19.39
CA ALA A 48 -16.77 -5.97 -20.44
C ALA A 48 -15.47 -6.23 -21.20
N LYS A 49 -15.54 -6.42 -22.52
CA LYS A 49 -14.38 -6.65 -23.35
C LYS A 49 -14.34 -5.61 -24.46
N GLY A 50 -13.20 -4.98 -24.63
CA GLY A 50 -13.04 -3.95 -25.60
C GLY A 50 -13.34 -2.62 -24.97
N LYS A 51 -12.88 -1.56 -25.65
CA LYS A 51 -12.96 -0.22 -25.06
C LYS A 51 -14.33 0.40 -24.98
N GLU A 52 -15.21 0.07 -25.93
CA GLU A 52 -16.56 0.59 -25.84
C GLU A 52 -17.36 -0.09 -24.71
N GLU A 53 -17.20 -1.40 -24.52
CA GLU A 53 -17.84 -2.04 -23.33
C GLU A 53 -17.22 -1.57 -22.02
N LEU A 54 -15.91 -1.38 -22.00
CA LEU A 54 -15.20 -0.91 -20.81
C LEU A 54 -15.67 0.50 -20.48
N ARG A 55 -15.90 1.30 -21.51
CA ARG A 55 -16.39 2.69 -21.30
C ARG A 55 -17.77 2.69 -20.68
N GLN A 56 -18.68 1.90 -21.23
CA GLN A 56 -20.03 1.78 -20.68
C GLN A 56 -19.96 1.26 -19.24
N GLY A 57 -19.14 0.25 -19.02
CA GLY A 57 -18.96 -0.35 -17.69
C GLY A 57 -18.44 0.64 -16.63
N PHE A 58 -17.55 1.53 -17.04
CA PHE A 58 -16.98 2.56 -16.18
C PHE A 58 -18.08 3.44 -15.57
N TYR A 59 -18.94 3.99 -16.40
CA TYR A 59 -20.04 4.82 -15.93
C TYR A 59 -21.10 3.98 -15.17
N ALA A 60 -21.36 2.76 -15.64
CA ALA A 60 -22.28 1.85 -14.94
C ALA A 60 -21.81 1.60 -13.50
N LEU A 62 -19.67 3.52 -11.67
CA LEU A 62 -19.80 4.78 -10.95
C LEU A 62 -21.22 5.09 -10.52
N ASP A 63 -22.18 4.87 -11.41
CA ASP A 63 -23.60 5.13 -11.13
C ASP A 63 -24.20 4.20 -10.09
N THR A 64 -23.58 3.05 -9.86
CA THR A 64 -24.19 2.06 -8.98
C THR A 64 -23.48 1.82 -7.64
N PHE A 65 -22.17 1.79 -7.64
CA PHE A 65 -21.43 1.60 -6.40
C PHE A 65 -20.04 2.22 -6.26
N ALA A 66 -19.41 2.65 -7.37
CA ALA A 66 -18.02 3.04 -7.34
C ALA A 66 -17.74 4.54 -7.14
N ARG A 67 -18.76 5.38 -7.15
CA ARG A 67 -18.56 6.81 -7.01
C ARG A 67 -18.34 7.24 -5.56
N GLY A 68 -17.51 8.27 -5.38
CA GLY A 68 -17.29 8.90 -4.07
C GLY A 68 -16.40 8.14 -3.12
N LYS A 69 -15.48 7.32 -3.68
CA LYS A 69 -14.64 6.48 -2.88
C LYS A 69 -13.16 6.71 -3.12
N ARG A 70 -12.35 6.03 -2.31
CA ARG A 70 -10.94 5.83 -2.59
C ARG A 70 -10.77 4.32 -2.71
N HIS A 71 -10.28 3.87 -3.87
CA HIS A 71 -10.01 2.48 -4.22
C HIS A 71 -8.50 2.36 -4.09
N CYS A 72 -8.03 1.59 -3.12
CA CYS A 72 -6.58 1.47 -2.86
C CYS A 72 -6.10 0.07 -3.17
N SER A 73 -4.97 0.02 -3.85
CA SER A 73 -4.34 -1.24 -4.20
C SER A 73 -3.20 -1.58 -3.19
N SER A 74 -3.01 -2.85 -2.84
CA SER A 74 -1.95 -3.28 -1.93
C SER A 74 -1.57 -4.74 -2.17
N ASN A 75 -0.47 -5.18 -1.56
CA ASN A 75 -0.02 -6.61 -1.59
C ASN A 75 0.22 -7.15 -3.01
N ALA A 76 0.77 -6.31 -3.88
CA ALA A 76 1.00 -6.70 -5.26
C ALA A 76 2.05 -7.79 -5.34
N ILE A 77 1.72 -8.88 -6.03
CA ILE A 77 2.68 -9.93 -6.31
C ILE A 77 2.66 -10.08 -7.84
N ILE A 78 3.81 -10.05 -8.50
CA ILE A 78 3.88 -10.10 -9.95
C ILE A 78 4.83 -11.21 -10.41
N GLN A 79 4.37 -12.06 -11.33
CA GLN A 79 5.14 -13.16 -11.94
C GLN A 79 5.07 -13.00 -13.42
N GLY A 80 6.12 -13.39 -14.12
CA GLY A 80 6.08 -13.28 -15.56
C GLY A 80 7.46 -13.32 -16.18
N ASN A 81 7.48 -12.90 -17.43
CA ASN A 81 8.70 -12.71 -18.17
C ASN A 81 8.68 -11.27 -18.73
N TYR A 82 9.59 -10.99 -19.66
CA TYR A 82 9.73 -9.64 -20.26
C TYR A 82 8.50 -9.07 -20.95
N ASP A 83 7.63 -9.89 -21.56
CA ASP A 83 6.40 -9.31 -22.24
C ASP A 83 4.99 -9.81 -21.78
N GLU A 84 4.94 -10.75 -20.84
CA GLU A 84 3.68 -11.28 -20.31
C GLU A 84 3.87 -11.48 -18.82
N ALA A 85 2.92 -11.02 -18.03
CA ALA A 85 2.94 -11.15 -16.56
C ALA A 85 1.54 -11.31 -16.02
N THR A 86 1.46 -11.72 -14.77
CA THR A 86 0.23 -11.78 -14.02
C THR A 86 0.49 -11.07 -12.68
N GLU A 88 -1.34 -10.29 -8.75
CA GLU A 88 -2.34 -10.58 -7.74
C GLU A 88 -2.17 -9.46 -6.72
N SER A 89 -3.29 -8.96 -6.22
CA SER A 89 -3.31 -7.82 -5.30
C SER A 89 -4.63 -7.77 -4.57
N TYR A 90 -4.68 -6.87 -3.60
CA TYR A 90 -5.84 -6.53 -2.83
C TYR A 90 -6.34 -5.15 -3.19
N LEU A 91 -7.65 -5.00 -3.12
CA LEU A 91 -8.33 -3.78 -3.32
C LEU A 91 -9.12 -3.55 -2.05
N THR A 92 -8.92 -2.37 -1.46
CA THR A 92 -9.72 -1.93 -0.32
C THR A 92 -10.36 -0.62 -0.74
N VAL A 93 -11.59 -0.41 -0.28
CA VAL A 93 -12.37 0.73 -0.71
C VAL A 93 -12.95 1.40 0.51
N VAL A 94 -12.81 2.72 0.53
CA VAL A 94 -13.32 3.52 1.59
C VAL A 94 -14.08 4.71 1.02
N ASN A 95 -14.92 5.31 1.85
CA ASN A 95 -15.74 6.46 1.46
C ASN A 95 -14.97 7.76 1.59
N ARG A 96 -15.15 8.69 0.65
CA ARG A 96 -14.53 10.01 0.75
C ARG A 96 -15.38 10.99 1.57
N GLU A 97 -16.69 10.75 1.68
CA GLU A 97 -17.56 11.73 2.27
C GLU A 97 -17.90 11.43 3.71
N ASP A 98 -17.54 10.26 4.20
CA ASP A 98 -17.72 9.89 5.60
C ASP A 98 -16.64 8.89 5.98
N LEU A 99 -16.63 8.49 7.24
CA LEU A 99 -15.57 7.61 7.76
C LEU A 99 -15.88 6.11 7.69
N ASN A 100 -16.73 5.68 6.79
CA ASN A 100 -17.04 4.27 6.66
C ASN A 100 -16.22 3.63 5.59
N ARG A 101 -16.06 2.32 5.73
CA ARG A 101 -15.48 1.52 4.68
C ARG A 101 -16.56 1.23 3.62
N ALA A 102 -16.11 0.79 2.43
CA ALA A 102 -17.03 0.45 1.33
C ALA A 102 -16.95 -0.99 0.85
N GLY A 103 -15.82 -1.66 1.03
CA GLY A 103 -15.67 -3.05 0.64
C GLY A 103 -14.24 -3.38 0.35
N SER A 104 -14.03 -4.61 -0.13
CA SER A 104 -12.72 -5.06 -0.51
C SER A 104 -12.82 -6.17 -1.56
N ALA A 105 -11.68 -6.48 -2.13
CA ALA A 105 -11.59 -7.53 -3.11
C ALA A 105 -10.18 -8.05 -3.30
N PHE A 106 -10.15 -9.24 -3.90
CA PHE A 106 -8.96 -9.89 -4.41
C PHE A 106 -9.00 -9.61 -5.90
N VAL A 107 -7.87 -9.18 -6.48
CA VAL A 107 -7.75 -8.81 -7.86
C VAL A 107 -6.63 -9.60 -8.53
N LYS A 108 -6.93 -10.13 -9.72
CA LYS A 108 -5.98 -10.91 -10.51
C LYS A 108 -5.93 -10.26 -11.89
N ASP A 109 -4.74 -9.82 -12.32
CA ASP A 109 -4.57 -9.13 -13.57
C ASP A 109 -3.64 -9.89 -14.49
N GLN A 110 -4.00 -10.00 -15.76
CA GLN A 110 -3.09 -10.53 -16.80
C GLN A 110 -2.69 -9.29 -17.57
N VAL A 111 -1.39 -9.10 -17.76
CA VAL A 111 -0.85 -7.89 -18.40
C VAL A 111 0.11 -8.29 -19.52
N ARG A 112 0.32 -7.36 -20.46
CA ARG A 112 1.19 -7.63 -21.60
C ARG A 112 1.94 -6.37 -22.00
N LYS A 113 3.17 -6.55 -22.42
CA LYS A 113 4.02 -5.42 -22.85
C LYS A 113 3.84 -5.33 -24.36
N ILE A 114 3.25 -4.24 -24.82
CA ILE A 114 2.91 -4.05 -26.25
C ILE A 114 3.60 -2.78 -26.69
N ASN A 115 4.51 -2.87 -27.66
CA ASN A 115 5.34 -1.75 -28.09
C ASN A 115 6.02 -1.01 -26.93
N GLY A 116 6.64 -1.78 -26.05
CA GLY A 116 7.35 -1.22 -24.93
C GLY A 116 6.57 -0.66 -23.76
N LYS A 117 5.26 -0.84 -23.71
CA LYS A 117 4.44 -0.34 -22.60
C LYS A 117 3.53 -1.44 -22.11
N TRP A 118 3.30 -1.50 -20.80
CA TRP A 118 2.41 -2.52 -20.22
C TRP A 118 0.93 -2.09 -20.26
N TYR A 119 0.08 -3.08 -20.52
CA TYR A 119 -1.37 -2.93 -20.58
C TYR A 119 -2.09 -4.07 -19.89
N LEU A 120 -3.28 -3.74 -19.36
CA LEU A 120 -4.16 -4.76 -18.79
C LEU A 120 -4.82 -5.54 -19.95
N ILE A 121 -4.71 -6.87 -19.95
CA ILE A 121 -5.41 -7.75 -20.89
C ILE A 121 -6.70 -8.27 -20.25
N LEU A 122 -6.63 -8.70 -18.99
CA LEU A 122 -7.77 -9.16 -18.26
C LEU A 122 -7.59 -8.80 -16.79
N ARG A 123 -8.54 -8.05 -16.23
CA ARG A 123 -8.56 -7.80 -14.81
C ARG A 123 -9.79 -8.50 -14.27
N GLN A 124 -9.60 -9.32 -13.25
CA GLN A 124 -10.69 -10.03 -12.59
C GLN A 124 -10.73 -9.57 -11.16
N ILE A 125 -11.88 -9.05 -10.74
CA ILE A 125 -12.10 -8.50 -9.39
C ILE A 125 -13.05 -9.46 -8.66
N GLU A 126 -12.61 -10.03 -7.54
CA GLU A 126 -13.36 -11.00 -6.73
C GLU A 126 -13.73 -10.29 -5.42
N VAL A 127 -14.93 -9.73 -5.44
CA VAL A 127 -15.36 -8.82 -4.36
C VAL A 127 -15.71 -9.62 -3.13
N ASP A 128 -15.37 -9.10 -1.97
CA ASP A 128 -15.60 -9.77 -0.70
C ASP A 128 -17.08 -9.58 -0.35
N PRO A 129 -17.65 -10.50 0.45
CA PRO A 129 -19.10 -10.47 0.71
C PRO A 129 -19.68 -9.25 1.44
N SER A 130 -18.83 -8.38 1.96
CA SER A 130 -19.26 -7.19 2.68
C SER A 130 -19.84 -6.10 1.80
N LEU A 131 -19.64 -6.17 0.49
CA LEU A 131 -20.10 -5.08 -0.40
C LEU A 131 -21.60 -4.87 -0.27
N PRO A 132 -22.03 -3.64 0.10
CA PRO A 132 -23.49 -3.36 0.22
C PRO A 132 -24.34 -3.78 -0.98
N LEU A 133 -23.84 -3.57 -2.20
CA LEU A 133 -24.54 -4.00 -3.42
C LEU A 133 -24.86 -5.54 -3.45
N LEU A 134 -24.19 -6.34 -2.62
CA LEU A 134 -24.40 -7.81 -2.55
C LEU A 134 -25.35 -8.21 -1.42
N GLU B 3 17.25 8.95 -17.30
CA GLU B 3 15.93 8.52 -16.91
C GLU B 3 15.82 8.22 -15.43
N LEU B 4 14.61 8.10 -14.98
CA LEU B 4 14.30 7.74 -13.62
C LEU B 4 14.56 6.22 -13.59
N THR B 5 15.30 5.75 -12.59
CA THR B 5 15.58 4.34 -12.44
C THR B 5 14.55 3.73 -11.48
N ALA B 6 14.52 2.39 -11.43
CA ALA B 6 13.64 1.69 -10.51
C ALA B 6 14.06 2.02 -9.09
N LEU B 7 15.37 2.11 -8.86
CA LEU B 7 15.86 2.54 -7.51
C LEU B 7 15.39 3.93 -7.17
N ASP B 8 15.39 4.86 -8.15
CA ASP B 8 14.86 6.22 -7.91
C ASP B 8 13.38 6.19 -7.48
N LYS B 9 12.55 5.46 -8.22
CA LYS B 9 11.13 5.32 -7.88
C LYS B 9 10.90 4.77 -6.47
N LEU B 10 11.64 3.71 -6.13
CA LEU B 10 11.54 3.11 -4.79
C LEU B 10 11.94 4.11 -3.70
N GLU B 11 13.01 4.86 -3.93
CA GLU B 11 13.46 5.94 -3.00
C GLU B 11 12.41 7.02 -2.87
N ILE B 12 11.79 7.42 -3.98
CA ILE B 12 10.74 8.46 -3.92
C ILE B 12 9.52 7.94 -3.14
N GLU B 14 9.63 5.74 -0.82
CA GLU B 14 10.11 5.76 0.59
C GLU B 14 10.01 7.13 1.27
N LEU B 15 10.03 8.22 0.49
CA LEU B 15 9.84 9.55 1.12
C LEU B 15 8.48 9.62 1.75
N ALA B 16 7.43 9.16 1.04
CA ALA B 16 6.06 9.11 1.58
C ALA B 16 5.99 8.20 2.82
N ALA B 17 6.55 7.01 2.71
CA ALA B 17 6.60 6.05 3.81
C ALA B 17 7.33 6.61 5.02
N ARG B 18 8.46 7.29 4.78
CA ARG B 18 9.23 7.94 5.87
C ARG B 18 8.46 9.11 6.53
N PHE B 19 7.84 9.97 5.72
CA PHE B 19 6.98 11.06 6.19
C PHE B 19 5.89 10.52 7.10
N GLU B 20 5.15 9.54 6.60
CA GLU B 20 4.01 8.99 7.35
C GLU B 20 4.40 8.28 8.64
N SER B 22 7.19 8.62 10.37
CA SER B 22 7.79 9.58 11.30
CA SER B 22 7.79 9.56 11.32
C SER B 22 6.71 10.40 12.02
N LEU B 23 5.68 10.80 11.26
CA LEU B 23 4.55 11.54 11.82
C LEU B 23 3.84 10.71 12.87
N ASP B 24 3.59 9.45 12.55
CA ASP B 24 2.88 8.58 13.50
C ASP B 24 3.68 8.29 14.77
N LYS B 25 4.99 8.11 14.61
CA LYS B 25 5.94 7.90 15.73
CA LYS B 25 5.94 7.93 15.73
C LYS B 25 6.27 9.23 16.48
N GLU B 26 5.90 10.37 15.90
CA GLU B 26 6.17 11.70 16.40
C GLU B 26 7.70 11.95 16.45
N ASP B 27 8.40 11.40 15.45
CA ASP B 27 9.85 11.48 15.27
C ASP B 27 10.10 12.66 14.36
N VAL B 28 10.22 13.84 14.96
CA VAL B 28 10.36 15.06 14.12
C VAL B 28 11.65 15.07 13.26
N GLU B 29 12.76 14.48 13.74
CA GLU B 29 14.01 14.52 12.94
C GLU B 29 13.94 13.70 11.68
N ASN B 30 13.36 12.50 11.75
CA ASN B 30 13.21 11.67 10.54
C ASN B 30 12.14 12.21 9.62
N TYR B 31 11.14 12.91 10.18
CA TYR B 31 10.17 13.63 9.38
C TYR B 31 10.86 14.74 8.56
N LEU B 32 11.65 15.55 9.25
CA LEU B 32 12.31 16.70 8.60
C LEU B 32 13.30 16.28 7.52
N ALA B 33 13.94 15.13 7.71
CA ALA B 33 14.92 14.56 6.76
C ALA B 33 14.35 14.28 5.36
N THR B 34 13.04 14.06 5.29
CA THR B 34 12.36 13.81 4.00
C THR B 34 12.24 15.07 3.14
N PHE B 35 12.38 16.25 3.74
CA PHE B 35 12.24 17.50 3.04
C PHE B 35 13.56 18.13 2.65
N ALA B 36 13.58 18.80 1.50
CA ALA B 36 14.71 19.68 1.18
C ALA B 36 14.77 20.80 2.22
N SER B 37 15.93 21.48 2.34
CA SER B 37 16.09 22.60 3.24
C SER B 37 14.99 23.61 3.01
N ASP B 38 14.56 23.81 1.76
CA ASP B 38 13.50 24.79 1.41
C ASP B 38 12.20 24.09 0.97
N GLY B 39 12.01 22.85 1.41
CA GLY B 39 10.85 22.07 1.07
C GLY B 39 9.60 22.60 1.77
N ALA B 40 8.44 22.25 1.24
CA ALA B 40 7.18 22.77 1.77
C ALA B 40 6.11 21.70 1.84
N LEU B 41 5.21 21.88 2.81
CA LEU B 41 3.99 21.06 3.00
C LEU B 41 2.80 22.00 2.97
N GLN B 42 1.85 21.71 2.06
CA GLN B 42 0.61 22.47 1.93
C GLN B 42 -0.61 21.58 2.07
N GLY B 43 -1.61 22.06 2.81
CA GLY B 43 -2.93 21.43 2.91
C GLY B 43 -3.95 22.56 3.14
N PHE B 44 -5.21 22.21 3.41
CA PHE B 44 -6.24 23.22 3.64
C PHE B 44 -5.87 24.15 4.79
N TRP B 45 -5.12 23.62 5.76
CA TRP B 45 -4.66 24.35 6.98
C TRP B 45 -3.61 25.47 6.75
N GLY B 46 -2.93 25.44 5.59
CA GLY B 46 -1.90 26.41 5.25
C GLY B 46 -0.68 25.72 4.66
N ILE B 47 0.42 26.48 4.66
CA ILE B 47 1.69 26.10 4.09
C ILE B 47 2.77 26.22 5.18
N ALA B 48 3.65 25.24 5.27
CA ALA B 48 4.82 25.25 6.16
C ALA B 48 5.99 25.12 5.20
N LYS B 49 6.99 26.00 5.29
CA LYS B 49 8.13 25.97 4.36
C LYS B 49 9.42 26.25 5.11
N GLY B 50 10.41 25.42 4.84
CA GLY B 50 11.68 25.47 5.51
C GLY B 50 11.60 24.67 6.79
N LYS B 51 12.78 24.36 7.33
CA LYS B 51 12.85 23.41 8.44
C LYS B 51 12.20 23.87 9.72
N GLU B 52 12.32 25.17 10.04
CA GLU B 52 11.73 25.72 11.24
C GLU B 52 10.19 25.64 11.22
N GLU B 53 9.60 26.09 10.11
CA GLU B 53 8.14 26.02 9.95
C GLU B 53 7.67 24.59 9.84
N LEU B 54 8.46 23.72 9.20
CA LEU B 54 8.03 22.30 9.08
C LEU B 54 7.98 21.65 10.46
N ARG B 55 9.01 21.94 11.27
CA ARG B 55 9.05 21.43 12.64
C ARG B 55 7.81 21.89 13.44
N GLN B 56 7.50 23.17 13.41
CA GLN B 56 6.29 23.68 14.09
C GLN B 56 5.00 23.06 13.53
N GLY B 57 4.90 22.98 12.21
CA GLY B 57 3.78 22.35 11.53
C GLY B 57 3.54 20.90 11.93
N PHE B 58 4.62 20.16 12.11
CA PHE B 58 4.60 18.78 12.53
C PHE B 58 3.83 18.66 13.86
N TYR B 59 4.21 19.46 14.85
CA TYR B 59 3.54 19.44 16.16
C TYR B 59 2.09 19.95 16.08
N ALA B 60 1.88 21.01 15.28
CA ALA B 60 0.55 21.58 15.02
C ALA B 60 -0.40 20.55 14.43
N LEU B 62 -0.05 17.19 14.58
CA LEU B 62 -0.27 16.18 15.61
C LEU B 62 -1.30 16.65 16.65
N ASP B 63 -1.19 17.91 17.05
CA ASP B 63 -2.09 18.48 18.05
C ASP B 63 -3.53 18.64 17.57
N THR B 64 -3.73 18.91 16.29
CA THR B 64 -5.06 19.20 15.74
C THR B 64 -5.76 17.97 15.19
N PHE B 65 -5.04 17.10 14.50
CA PHE B 65 -5.68 15.91 13.92
C PHE B 65 -4.83 14.66 13.68
N ALA B 66 -3.50 14.76 13.64
CA ALA B 66 -2.68 13.67 13.15
C ALA B 66 -2.14 12.65 14.18
N ARG B 67 -2.30 12.93 15.47
CA ARG B 67 -1.81 12.06 16.52
C ARG B 67 -2.67 10.81 16.74
N GLY B 68 -2.02 9.71 17.05
CA GLY B 68 -2.70 8.47 17.39
C GLY B 68 -3.29 7.69 16.25
N LYS B 69 -2.63 7.79 15.07
CA LYS B 69 -3.11 7.20 13.85
C LYS B 69 -2.07 6.31 13.16
N ARG B 70 -2.54 5.68 12.09
CA ARG B 70 -1.69 5.07 11.09
C ARG B 70 -2.06 5.78 9.80
N HIS B 71 -1.11 6.51 9.25
CA HIS B 71 -1.18 7.14 7.93
C HIS B 71 -0.54 6.21 6.89
N CYS B 72 -1.32 5.75 5.90
CA CYS B 72 -0.85 4.79 4.90
C CYS B 72 -0.88 5.38 3.51
N SER B 73 0.21 5.13 2.78
CA SER B 73 0.38 5.56 1.40
CA SER B 73 0.37 5.56 1.39
C SER B 73 0.04 4.41 0.45
N SER B 74 -0.65 4.70 -0.67
CA SER B 74 -1.00 3.70 -1.68
C SER B 74 -1.15 4.33 -3.06
N ASN B 75 -1.10 3.50 -4.08
CA ASN B 75 -1.36 3.89 -5.50
C ASN B 75 -0.37 4.91 -6.03
N ALA B 76 0.90 4.75 -5.67
CA ALA B 76 1.91 5.70 -6.16
C ALA B 76 2.07 5.63 -7.68
N ILE B 77 2.06 6.81 -8.29
CA ILE B 77 2.37 6.95 -9.70
C ILE B 77 3.43 8.06 -9.73
N ILE B 78 4.56 7.73 -10.33
CA ILE B 78 5.71 8.63 -10.38
C ILE B 78 6.13 8.90 -11.80
N GLN B 79 6.35 10.17 -12.12
CA GLN B 79 6.89 10.53 -13.45
C GLN B 79 7.96 11.61 -13.32
N GLY B 80 8.95 11.55 -14.19
CA GLY B 80 10.04 12.50 -14.14
C GLY B 80 11.29 11.92 -14.77
N ASN B 81 12.44 12.43 -14.32
CA ASN B 81 13.72 12.02 -14.83
C ASN B 81 14.64 11.73 -13.65
N TYR B 82 15.95 11.69 -13.89
CA TYR B 82 16.87 11.31 -12.80
C TYR B 82 17.00 12.27 -11.61
N ASP B 83 16.54 13.52 -11.75
CA ASP B 83 16.67 14.47 -10.65
C ASP B 83 15.48 15.34 -10.33
N GLU B 84 14.38 15.20 -11.07
CA GLU B 84 13.16 15.93 -10.79
C GLU B 84 11.98 15.03 -11.14
N ALA B 85 11.04 14.91 -10.25
CA ALA B 85 9.90 14.04 -10.50
C ALA B 85 8.69 14.52 -9.70
N THR B 86 7.54 13.95 -10.07
CA THR B 86 6.29 14.21 -9.41
C THR B 86 5.69 12.87 -9.07
N GLU B 88 2.01 11.09 -7.45
CA GLU B 88 0.61 11.22 -7.02
C GLU B 88 0.34 9.95 -6.23
N SER B 89 -0.45 10.05 -5.17
CA SER B 89 -0.70 8.89 -4.34
C SER B 89 -1.93 9.16 -3.49
N TYR B 90 -2.35 8.12 -2.77
CA TYR B 90 -3.41 8.25 -1.82
C TYR B 90 -2.88 8.15 -0.42
N LEU B 91 -3.60 8.79 0.49
CA LEU B 91 -3.36 8.75 1.91
C LEU B 91 -4.64 8.30 2.54
N THR B 92 -4.58 7.23 3.32
CA THR B 92 -5.72 6.79 4.13
C THR B 92 -5.27 6.76 5.60
N VAL B 93 -6.12 7.20 6.51
CA VAL B 93 -5.77 7.34 7.90
C VAL B 93 -6.78 6.54 8.74
N VAL B 94 -6.26 5.79 9.70
CA VAL B 94 -7.05 5.00 10.62
C VAL B 94 -6.55 5.24 12.03
N ASN B 95 -7.40 4.96 13.01
CA ASN B 95 -7.05 5.13 14.39
C ASN B 95 -6.28 3.95 14.93
N ARG B 96 -5.31 4.21 15.77
CA ARG B 96 -4.58 3.14 16.46
C ARG B 96 -5.28 2.61 17.70
N GLU B 97 -6.04 3.48 18.37
CA GLU B 97 -6.67 3.15 19.66
CA GLU B 97 -6.69 3.20 19.67
C GLU B 97 -8.08 2.56 19.58
N ASP B 98 -8.71 2.65 18.41
CA ASP B 98 -10.02 2.05 18.17
C ASP B 98 -10.13 1.63 16.70
N LEU B 99 -11.27 1.06 16.34
CA LEU B 99 -11.45 0.48 14.99
C LEU B 99 -12.08 1.42 13.99
N ASN B 100 -12.03 2.74 14.25
CA ASN B 100 -12.57 3.66 13.28
C ASN B 100 -11.51 4.16 12.32
N ARG B 101 -12.01 4.71 11.23
CA ARG B 101 -11.25 5.40 10.25
C ARG B 101 -11.10 6.86 10.68
N ALA B 102 -10.12 7.55 10.12
CA ALA B 102 -9.85 8.96 10.44
C ALA B 102 -9.94 9.93 9.27
N GLY B 103 -9.72 9.45 8.05
CA GLY B 103 -9.83 10.30 6.88
C GLY B 103 -9.03 9.74 5.74
N SER B 104 -8.98 10.54 4.67
CA SER B 104 -8.27 10.18 3.45
C SER B 104 -7.89 11.41 2.68
N ALA B 105 -7.01 11.26 1.72
CA ALA B 105 -6.56 12.39 0.92
C ALA B 105 -5.89 11.95 -0.34
N PHE B 106 -5.88 12.86 -1.30
CA PHE B 106 -5.12 12.69 -2.52
C PHE B 106 -3.87 13.54 -2.27
N VAL B 107 -2.70 13.01 -2.61
CA VAL B 107 -1.43 13.68 -2.35
C VAL B 107 -0.63 13.87 -3.62
N LYS B 108 -0.14 15.10 -3.85
CA LYS B 108 0.72 15.38 -4.99
C LYS B 108 2.08 15.86 -4.46
N ASP B 109 3.14 15.20 -4.87
CA ASP B 109 4.53 15.51 -4.43
C ASP B 109 5.42 15.93 -5.58
N GLN B 110 6.18 17.01 -5.40
CA GLN B 110 7.24 17.37 -6.33
C GLN B 110 8.49 16.99 -5.55
N VAL B 111 9.37 16.20 -6.17
CA VAL B 111 10.56 15.70 -5.51
C VAL B 111 11.78 16.06 -6.37
N ARG B 112 12.92 16.14 -5.71
CA ARG B 112 14.17 16.51 -6.37
C ARG B 112 15.34 15.75 -5.79
N LYS B 113 16.28 15.40 -6.68
CA LYS B 113 17.52 14.75 -6.25
C LYS B 113 18.53 15.87 -6.01
N ILE B 114 18.97 15.98 -4.76
CA ILE B 114 19.94 16.98 -4.30
C ILE B 114 21.11 16.24 -3.63
N ASN B 115 22.34 16.51 -4.12
CA ASN B 115 23.54 15.84 -3.64
C ASN B 115 23.35 14.31 -3.58
N GLY B 116 22.70 13.78 -4.60
CA GLY B 116 22.49 12.36 -4.77
C GLY B 116 21.37 11.67 -4.04
N LYS B 117 20.53 12.42 -3.35
CA LYS B 117 19.42 11.88 -2.59
C LYS B 117 18.14 12.58 -2.94
N TRP B 118 17.02 11.84 -2.89
CA TRP B 118 15.71 12.43 -3.19
C TRP B 118 15.12 13.06 -1.95
N TYR B 119 14.50 14.21 -2.18
CA TYR B 119 13.82 14.99 -1.16
C TYR B 119 12.50 15.56 -1.63
N LEU B 120 11.58 15.73 -0.70
CA LEU B 120 10.34 16.45 -0.95
C LEU B 120 10.60 17.96 -1.15
N ILE B 121 10.19 18.50 -2.31
CA ILE B 121 10.21 19.95 -2.55
C ILE B 121 8.86 20.55 -2.16
N LEU B 122 7.79 19.88 -2.58
CA LEU B 122 6.46 20.33 -2.27
C LEU B 122 5.54 19.18 -2.17
N ARG B 123 4.94 19.01 -1.00
CA ARG B 123 3.90 18.01 -0.78
C ARG B 123 2.59 18.76 -0.56
N GLN B 124 1.60 18.46 -1.41
CA GLN B 124 0.26 19.04 -1.36
C GLN B 124 -0.72 17.94 -1.04
N ILE B 125 -1.38 18.06 0.11
CA ILE B 125 -2.37 17.11 0.60
C ILE B 125 -3.76 17.71 0.39
N GLU B 126 -4.62 16.99 -0.34
CA GLU B 126 -5.98 17.42 -0.68
C GLU B 126 -6.87 16.49 0.09
N VAL B 127 -7.26 16.93 1.29
CA VAL B 127 -8.05 16.13 2.21
CA VAL B 127 -8.04 16.09 2.20
C VAL B 127 -9.48 15.90 1.74
N ASP B 128 -9.95 14.65 1.86
CA ASP B 128 -11.33 14.30 1.55
C ASP B 128 -12.29 14.89 2.60
N PRO B 129 -13.54 15.22 2.21
CA PRO B 129 -14.52 15.90 3.09
C PRO B 129 -14.89 15.17 4.38
N SER B 130 -14.54 13.89 4.50
CA SER B 130 -14.85 13.12 5.70
C SER B 130 -14.14 13.58 6.96
N LEU B 131 -13.04 14.33 6.83
CA LEU B 131 -12.22 14.70 7.99
C LEU B 131 -13.03 15.45 9.03
N PRO B 132 -13.14 14.90 10.26
CA PRO B 132 -13.84 15.56 11.35
C PRO B 132 -13.50 17.04 11.50
N LEU B 133 -12.22 17.42 11.40
CA LEU B 133 -11.80 18.82 11.51
C LEU B 133 -12.44 19.74 10.42
N LEU B 134 -12.87 19.16 9.29
CA LEU B 134 -13.61 19.90 8.26
C LEU B 134 -15.12 19.91 8.49
N GLN B 135 -15.66 18.88 9.16
CA GLN B 135 -17.11 18.79 9.44
C GLN B 135 -17.59 19.80 10.49
N GLU C 3 25.30 -3.14 -2.80
CA GLU C 3 24.02 -2.53 -2.49
C GLU C 3 22.84 -3.41 -2.96
N LEU C 4 21.70 -3.20 -2.31
CA LEU C 4 20.45 -3.85 -2.71
C LEU C 4 20.05 -3.35 -4.08
N THR C 5 19.57 -4.25 -4.94
CA THR C 5 19.00 -3.84 -6.24
C THR C 5 17.51 -3.50 -6.06
N ALA C 6 16.95 -2.82 -7.06
CA ALA C 6 15.52 -2.54 -7.10
C ALA C 6 14.74 -3.87 -7.11
N LEU C 7 15.20 -4.86 -7.88
CA LEU C 7 14.53 -6.19 -7.84
C LEU C 7 14.57 -6.83 -6.45
N ASP C 8 15.70 -6.72 -5.73
CA ASP C 8 15.79 -7.16 -4.33
C ASP C 8 14.72 -6.53 -3.49
N LYS C 9 14.60 -5.20 -3.56
CA LYS C 9 13.61 -4.51 -2.75
C LYS C 9 12.17 -4.92 -3.09
N LEU C 10 11.88 -5.06 -4.39
CA LEU C 10 10.58 -5.55 -4.81
C LEU C 10 10.28 -6.97 -4.27
N GLU C 11 11.27 -7.84 -4.32
CA GLU C 11 11.13 -9.23 -3.86
C GLU C 11 10.90 -9.27 -2.33
N ILE C 12 11.57 -8.37 -1.61
CA ILE C 12 11.43 -8.28 -0.14
C ILE C 12 10.04 -7.79 0.18
N GLU C 14 7.40 -8.28 -1.65
CA GLU C 14 6.55 -9.42 -2.01
C GLU C 14 6.52 -10.47 -0.90
N LEU C 15 7.55 -10.58 -0.07
CA LEU C 15 7.50 -11.48 1.13
C LEU C 15 6.37 -11.12 2.03
N ALA C 16 6.20 -9.82 2.26
CA ALA C 16 5.11 -9.33 3.09
C ALA C 16 3.77 -9.65 2.44
N ALA C 17 3.68 -9.44 1.12
CA ALA C 17 2.45 -9.69 0.39
C ALA C 17 2.08 -11.17 0.47
N ARG C 18 3.07 -12.03 0.27
CA ARG C 18 2.87 -13.45 0.25
C ARG C 18 2.46 -13.93 1.64
N PHE C 19 3.12 -13.44 2.68
CA PHE C 19 2.76 -13.82 4.07
C PHE C 19 1.30 -13.54 4.32
N GLU C 20 0.90 -12.31 4.02
CA GLU C 20 -0.45 -11.88 4.32
C GLU C 20 -1.53 -12.53 3.47
N SER C 22 -1.24 -15.47 2.00
CA SER C 22 -1.30 -16.89 2.39
C SER C 22 -2.09 -17.07 3.67
N LEU C 23 -1.91 -16.16 4.62
CA LEU C 23 -2.67 -16.16 5.87
C LEU C 23 -4.17 -16.02 5.59
N ASP C 24 -4.55 -14.98 4.82
CA ASP C 24 -5.96 -14.75 4.46
C ASP C 24 -6.61 -15.87 3.69
N LYS C 25 -5.85 -16.52 2.80
CA LYS C 25 -6.31 -17.68 2.01
C LYS C 25 -6.27 -18.98 2.78
N GLU C 26 -5.60 -18.98 3.94
CA GLU C 26 -5.40 -20.16 4.75
C GLU C 26 -4.59 -21.22 4.00
N ASP C 27 -3.56 -20.74 3.29
CA ASP C 27 -2.62 -21.60 2.51
C ASP C 27 -1.35 -21.72 3.34
N VAL C 28 -1.32 -22.74 4.21
CA VAL C 28 -0.18 -22.96 5.12
C VAL C 28 1.17 -23.13 4.42
N GLU C 29 1.21 -23.87 3.31
CA GLU C 29 2.48 -24.11 2.64
C GLU C 29 3.09 -22.86 2.05
N ASN C 30 2.28 -22.05 1.39
CA ASN C 30 2.77 -20.77 0.89
C ASN C 30 3.16 -19.77 1.97
N TYR C 31 2.46 -19.83 3.10
CA TYR C 31 2.78 -19.01 4.30
C TYR C 31 4.19 -19.40 4.80
N LEU C 32 4.39 -20.71 5.01
CA LEU C 32 5.68 -21.23 5.50
C LEU C 32 6.87 -21.00 4.54
N ALA C 33 6.60 -21.00 3.24
CA ALA C 33 7.65 -20.81 2.23
C ALA C 33 8.23 -19.37 2.28
N THR C 34 7.53 -18.43 2.90
CA THR C 34 8.10 -17.09 3.09
C THR C 34 9.26 -17.06 4.12
N PHE C 35 9.30 -18.06 5.00
CA PHE C 35 10.27 -18.16 6.09
C PHE C 35 11.46 -19.03 5.76
N ALA C 36 12.65 -18.59 6.16
CA ALA C 36 13.83 -19.48 6.11
C ALA C 36 13.57 -20.55 7.17
N SER C 37 14.31 -21.66 7.09
CA SER C 37 14.20 -22.73 8.10
C SER C 37 14.47 -22.29 9.53
N ASP C 38 15.33 -21.28 9.70
CA ASP C 38 15.61 -20.72 11.04
C ASP C 38 14.63 -19.56 11.42
N GLY C 39 13.59 -19.34 10.63
CA GLY C 39 12.69 -18.19 10.77
C GLY C 39 11.83 -18.17 12.01
N ALA C 40 11.41 -16.95 12.36
CA ALA C 40 10.64 -16.75 13.57
C ALA C 40 9.66 -15.62 13.40
N LEU C 41 8.54 -15.75 14.10
CA LEU C 41 7.50 -14.73 14.15
C LEU C 41 7.25 -14.34 15.59
N GLN C 42 7.26 -13.04 15.85
CA GLN C 42 7.10 -12.50 17.20
C GLN C 42 6.00 -11.46 17.26
N GLY C 43 5.17 -11.53 18.28
CA GLY C 43 4.15 -10.51 18.49
C GLY C 43 3.67 -10.47 19.94
N PHE C 44 2.50 -9.88 20.14
CA PHE C 44 1.95 -9.75 21.50
C PHE C 44 1.83 -11.08 22.26
N TRP C 45 1.57 -12.09 21.46
CA TRP C 45 1.39 -13.49 21.92
CA TRP C 45 1.40 -13.51 21.82
C TRP C 45 2.68 -14.30 22.21
N GLY C 46 3.85 -13.71 21.95
CA GLY C 46 5.13 -14.33 22.19
C GLY C 46 5.85 -14.58 20.89
N ILE C 47 6.53 -15.72 20.80
CA ILE C 47 7.38 -16.01 19.65
C ILE C 47 7.30 -17.46 19.26
N ALA C 48 7.34 -17.72 17.94
CA ALA C 48 7.39 -19.07 17.39
C ALA C 48 8.62 -19.11 16.51
N LYS C 49 9.46 -20.14 16.68
CA LYS C 49 10.71 -20.31 15.92
C LYS C 49 10.73 -21.64 15.22
N GLY C 50 11.14 -21.64 13.96
CA GLY C 50 11.20 -22.88 13.18
C GLY C 50 9.84 -23.25 12.59
N LYS C 51 9.88 -24.06 11.53
CA LYS C 51 8.64 -24.36 10.79
C LYS C 51 7.60 -25.18 11.54
N GLU C 52 8.01 -26.04 12.48
CA GLU C 52 7.02 -26.81 13.27
C GLU C 52 6.16 -25.84 14.07
N GLU C 53 6.80 -24.96 14.83
CA GLU C 53 6.10 -23.92 15.60
C GLU C 53 5.34 -22.94 14.72
N LEU C 54 5.95 -22.51 13.61
CA LEU C 54 5.28 -21.57 12.68
C LEU C 54 3.98 -22.18 12.09
N ARG C 55 4.01 -23.43 11.77
CA ARG C 55 2.85 -24.14 11.19
C ARG C 55 1.75 -24.16 12.21
N GLN C 56 2.05 -24.54 13.44
CA GLN C 56 1.03 -24.60 14.50
C GLN C 56 0.46 -23.20 14.79
N GLY C 57 1.35 -22.21 14.78
CA GLY C 57 0.96 -20.84 15.06
C GLY C 57 0.02 -20.25 14.02
N PHE C 58 0.18 -20.70 12.78
CA PHE C 58 -0.70 -20.30 11.64
C PHE C 58 -2.17 -20.60 12.01
N TYR C 59 -2.43 -21.81 12.47
CA TYR C 59 -3.78 -22.26 12.87
C TYR C 59 -4.22 -21.55 14.11
N ALA C 60 -3.30 -21.40 15.08
CA ALA C 60 -3.62 -20.72 16.33
C ALA C 60 -4.09 -19.30 16.06
N LEU C 62 -5.21 -18.02 13.14
CA LEU C 62 -6.46 -18.07 12.37
C LEU C 62 -7.68 -18.33 13.29
N ASP C 63 -7.53 -19.28 14.20
CA ASP C 63 -8.64 -19.71 15.05
C ASP C 63 -9.08 -18.71 16.08
N THR C 64 -8.18 -17.81 16.49
CA THR C 64 -8.50 -16.79 17.50
C THR C 64 -8.77 -15.41 16.96
N PHE C 65 -8.06 -14.97 15.93
CA PHE C 65 -8.26 -13.59 15.46
C PHE C 65 -7.99 -13.25 14.02
N ALA C 66 -7.22 -14.06 13.30
CA ALA C 66 -6.78 -13.68 11.96
C ALA C 66 -7.65 -14.14 10.81
N ARG C 67 -8.62 -15.00 11.07
CA ARG C 67 -9.48 -15.53 9.99
C ARG C 67 -10.52 -14.51 9.51
N GLY C 68 -10.80 -14.55 8.21
CA GLY C 68 -11.87 -13.74 7.61
C GLY C 68 -11.55 -12.30 7.33
N LYS C 69 -10.27 -12.01 7.11
CA LYS C 69 -9.81 -10.65 6.96
C LYS C 69 -9.06 -10.41 5.68
N ARG C 70 -8.74 -9.14 5.46
CA ARG C 70 -7.76 -8.74 4.47
C ARG C 70 -6.67 -8.05 5.28
N HIS C 71 -5.47 -8.64 5.26
CA HIS C 71 -4.27 -8.06 5.88
C HIS C 71 -3.47 -7.34 4.80
N CYS C 72 -3.41 -6.01 4.87
CA CYS C 72 -2.72 -5.17 3.86
C CYS C 72 -1.43 -4.57 4.36
N SER C 73 -0.40 -4.67 3.54
CA SER C 73 0.91 -4.13 3.83
C SER C 73 1.04 -2.76 3.15
N SER C 74 1.64 -1.78 3.81
CA SER C 74 1.91 -0.49 3.20
C SER C 74 3.15 0.15 3.83
N ASN C 75 3.60 1.26 3.21
CA ASN C 75 4.67 2.10 3.74
C ASN C 75 6.00 1.42 3.94
N ALA C 76 6.37 0.53 3.02
CA ALA C 76 7.60 -0.26 3.14
C ALA C 76 8.83 0.61 3.02
N ILE C 77 9.74 0.46 3.98
CA ILE C 77 11.07 1.12 3.95
C ILE C 77 12.09 -0.01 4.15
N ILE C 78 12.99 -0.15 3.18
CA ILE C 78 13.95 -1.25 3.20
C ILE C 78 15.41 -0.75 3.21
N GLN C 79 16.22 -1.29 4.13
CA GLN C 79 17.64 -0.95 4.26
C GLN C 79 18.39 -2.25 4.25
N GLY C 80 19.58 -2.26 3.66
CA GLY C 80 20.37 -3.48 3.70
C GLY C 80 21.50 -3.46 2.71
N ASN C 81 22.06 -4.62 2.48
CA ASN C 81 23.08 -4.81 1.47
C ASN C 81 22.57 -5.92 0.54
N TYR C 82 23.45 -6.45 -0.29
CA TYR C 82 23.08 -7.46 -1.26
C TYR C 82 22.46 -8.76 -0.69
N ASP C 83 22.78 -9.19 0.54
CA ASP C 83 22.19 -10.48 1.08
C ASP C 83 21.47 -10.44 2.45
N GLU C 84 21.44 -9.27 3.09
CA GLU C 84 20.79 -9.06 4.38
C GLU C 84 20.08 -7.72 4.33
N ALA C 85 18.86 -7.66 4.83
CA ALA C 85 18.15 -6.41 4.85
C ALA C 85 17.13 -6.43 5.95
N THR C 86 16.65 -5.23 6.23
CA THR C 86 15.60 -4.99 7.20
CA THR C 86 15.60 -4.98 7.19
C THR C 86 14.50 -4.20 6.50
N GLU C 88 10.74 -2.18 7.35
CA GLU C 88 9.75 -1.63 8.27
C GLU C 88 8.51 -1.35 7.44
N SER C 89 7.33 -1.71 7.94
CA SER C 89 6.10 -1.49 7.19
C SER C 89 4.92 -1.42 8.14
N TYR C 90 3.78 -1.08 7.54
CA TYR C 90 2.53 -1.06 8.25
C TYR C 90 1.62 -2.21 7.79
N LEU C 91 0.79 -2.64 8.72
CA LEU C 91 -0.19 -3.69 8.51
C LEU C 91 -1.50 -3.07 8.93
N THR C 92 -2.48 -3.08 8.03
CA THR C 92 -3.87 -2.65 8.36
C THR C 92 -4.72 -3.86 8.02
N VAL C 93 -5.73 -4.09 8.83
CA VAL C 93 -6.54 -5.30 8.76
C VAL C 93 -8.03 -4.90 8.74
N VAL C 94 -8.78 -5.41 7.76
CA VAL C 94 -10.20 -5.14 7.62
C VAL C 94 -10.96 -6.45 7.49
N ASN C 95 -12.24 -6.40 7.78
CA ASN C 95 -13.07 -7.60 7.67
C ASN C 95 -13.50 -7.89 6.25
N ARG C 96 -13.48 -9.16 5.85
CA ARG C 96 -14.03 -9.53 4.55
C ARG C 96 -15.57 -9.57 4.53
N GLU C 97 -16.18 -9.92 5.66
CA GLU C 97 -17.60 -10.21 5.69
C GLU C 97 -18.50 -9.06 6.12
N ASP C 98 -17.92 -7.98 6.66
CA ASP C 98 -18.68 -6.78 6.99
C ASP C 98 -17.77 -5.56 6.73
N LEU C 99 -18.29 -4.37 6.95
CA LEU C 99 -17.52 -3.14 6.65
C LEU C 99 -16.74 -2.58 7.87
N ASN C 100 -16.42 -3.41 8.87
CA ASN C 100 -15.60 -2.94 9.98
C ASN C 100 -14.11 -3.17 9.77
N ARG C 101 -13.31 -2.37 10.48
CA ARG C 101 -11.85 -2.58 10.55
C ARG C 101 -11.62 -3.67 11.60
N ALA C 102 -10.43 -4.28 11.59
CA ALA C 102 -10.04 -5.31 12.54
C ALA C 102 -8.80 -5.00 13.38
N GLY C 103 -7.92 -4.14 12.89
CA GLY C 103 -6.75 -3.77 13.64
C GLY C 103 -5.68 -3.21 12.75
N SER C 104 -4.54 -2.92 13.37
CA SER C 104 -3.36 -2.40 12.67
C SER C 104 -2.10 -2.72 13.46
N ALA C 105 -0.94 -2.56 12.80
CA ALA C 105 0.32 -2.82 13.45
C ALA C 105 1.47 -2.17 12.69
N PHE C 106 2.57 -2.03 13.43
CA PHE C 106 3.86 -1.70 12.91
C PHE C 106 4.59 -3.06 12.78
N VAL C 107 5.22 -3.26 11.64
CA VAL C 107 5.92 -4.51 11.36
C VAL C 107 7.42 -4.27 10.99
N LYS C 108 8.31 -5.02 11.63
CA LYS C 108 9.75 -5.02 11.34
C LYS C 108 10.18 -6.43 10.94
N ASP C 109 10.77 -6.54 9.74
CA ASP C 109 11.22 -7.80 9.21
C ASP C 109 12.72 -7.78 8.97
N GLN C 110 13.38 -8.86 9.35
CA GLN C 110 14.79 -9.11 9.03
CA GLN C 110 14.78 -9.10 9.03
C GLN C 110 14.73 -10.21 7.99
N VAL C 111 15.37 -9.97 6.84
CA VAL C 111 15.33 -10.89 5.73
C VAL C 111 16.73 -11.21 5.24
N ARG C 112 16.86 -12.35 4.59
CA ARG C 112 18.14 -12.79 4.04
C ARG C 112 17.96 -13.39 2.67
N LYS C 113 18.96 -13.20 1.79
CA LYS C 113 18.95 -13.75 0.47
C LYS C 113 19.82 -15.01 0.53
N ILE C 114 19.18 -16.16 0.30
CA ILE C 114 19.78 -17.51 0.41
C ILE C 114 19.63 -18.16 -0.94
N ASN C 115 20.75 -18.58 -1.56
CA ASN C 115 20.73 -19.18 -2.88
C ASN C 115 19.86 -18.42 -3.90
N GLY C 116 19.96 -17.09 -3.87
CA GLY C 116 19.30 -16.21 -4.82
C GLY C 116 17.87 -15.80 -4.57
N LYS C 117 17.31 -16.12 -3.41
CA LYS C 117 15.94 -15.80 -3.10
C LYS C 117 15.86 -15.27 -1.68
N TRP C 118 14.96 -14.30 -1.47
CA TRP C 118 14.77 -13.66 -0.19
C TRP C 118 13.79 -14.43 0.71
N TYR C 119 14.14 -14.46 2.00
CA TYR C 119 13.35 -15.13 3.02
C TYR C 119 13.24 -14.28 4.27
N LEU C 120 12.18 -14.48 5.04
CA LEU C 120 11.99 -13.90 6.36
C LEU C 120 12.80 -14.73 7.35
N ILE C 121 13.61 -14.06 8.16
CA ILE C 121 14.35 -14.65 9.27
C ILE C 121 13.64 -14.32 10.58
N LEU C 122 13.25 -13.06 10.74
CA LEU C 122 12.48 -12.63 11.91
C LEU C 122 11.43 -11.58 11.52
N ARG C 123 10.16 -11.83 11.84
CA ARG C 123 9.10 -10.87 11.62
CA ARG C 123 9.10 -10.85 11.62
C ARG C 123 8.58 -10.50 13.00
N GLN C 124 8.60 -9.19 13.32
CA GLN C 124 8.13 -8.68 14.59
C GLN C 124 6.92 -7.82 14.32
N ILE C 125 5.77 -8.17 14.88
CA ILE C 125 4.55 -7.39 14.69
C ILE C 125 4.18 -6.72 16.00
N GLU C 126 4.02 -5.40 16.00
CA GLU C 126 3.70 -4.56 17.17
C GLU C 126 2.31 -4.07 16.89
N VAL C 127 1.36 -4.82 17.41
CA VAL C 127 -0.06 -4.56 17.20
CA VAL C 127 -0.05 -4.52 17.14
C VAL C 127 -0.52 -3.30 17.93
N ASP C 128 -1.38 -2.54 17.30
CA ASP C 128 -1.95 -1.35 17.91
C ASP C 128 -3.00 -1.75 18.95
N PRO C 129 -3.27 -0.88 19.95
CA PRO C 129 -4.23 -1.30 21.01
C PRO C 129 -5.72 -1.51 20.67
N SER C 130 -6.13 -1.18 19.45
CA SER C 130 -7.48 -1.42 18.97
C SER C 130 -7.86 -2.89 18.79
N LEU C 131 -6.88 -3.79 18.67
CA LEU C 131 -7.15 -5.18 18.45
C LEU C 131 -8.17 -5.70 19.48
N PRO C 132 -9.36 -6.12 19.01
CA PRO C 132 -10.39 -6.64 19.92
C PRO C 132 -9.88 -7.63 20.99
N LEU C 133 -9.03 -8.57 20.58
CA LEU C 133 -8.43 -9.58 21.49
C LEU C 133 -7.71 -8.94 22.69
N LEU C 134 -7.03 -7.83 22.46
CA LEU C 134 -6.35 -7.09 23.54
C LEU C 134 -7.31 -6.36 24.49
N GLN C 135 -8.56 -6.09 24.08
CA GLN C 135 -9.54 -5.39 24.95
C GLN C 135 -9.89 -6.18 26.23
#